data_6NG0
#
_entry.id   6NG0
#
_cell.length_a   55.810
_cell.length_b   58.920
_cell.length_c   60.930
_cell.angle_alpha   82.440
_cell.angle_beta   82.310
_cell.angle_gamma   64.340
#
_symmetry.space_group_name_H-M   'P 1'
#
loop_
_entity.id
_entity.type
_entity.pdbx_description
1 polymer 'Mitogen-activated protein kinase kinase kinase kinase 1'
2 non-polymer 'N-[2-(diethylamino)ethyl]-5-[(Z)-(5-fluoro-2-oxo-1,2-dihydro-3H-indol-3-ylidene)methyl]-2,4-dimethyl-1H-pyrrole-3-carbo xamide'
3 water water
#
_entity_poly.entity_id   1
_entity_poly.type   'polypeptide(L)'
_entity_poly.pdbx_seq_one_letter_code
;GSMDVVDPDIFNRDPRDHYDLLQRLGGGTYGEVFKARDKVSGDLVALKMVKMEPDDDVSTLQKEILILKTCRHANIVAYH
GSYLWLQKLWICMEFCGAGSLQDIYQVTGSLSELQISYVCREVLQGLAYLHSQKKIHRDIKGANILINDAGEVRLADFGI
SAQIGAELARRLEFIGTPYWMAPEVAAVALKGGYNELCDIWSLGITAIELAELQPPLFDVHPLRVLFLMTKSGYQPPRLK
EKGKWSAAFHNFIKVTLTKSPKKRPSATKMLSHQLVSQPGLNRGLILDLLDKLKNPGKGPSIGDIEDEE
;
_entity_poly.pdbx_strand_id   A,B
#
# COMPACT_ATOMS: atom_id res chain seq x y z
N PRO A 8 -7.54 27.97 -1.39
CA PRO A 8 -6.31 27.43 -0.78
C PRO A 8 -5.28 28.52 -0.45
N ASP A 9 -5.44 29.70 -1.10
CA ASP A 9 -4.59 30.88 -0.99
C ASP A 9 -3.14 30.58 -1.36
N ILE A 10 -2.94 30.13 -2.60
CA ILE A 10 -1.62 29.86 -3.15
C ILE A 10 -1.31 31.04 -4.07
N PHE A 11 -0.29 31.83 -3.71
CA PHE A 11 0.11 33.04 -4.44
C PHE A 11 1.34 32.79 -5.32
N ASN A 12 1.24 33.14 -6.62
CA ASN A 12 2.34 32.97 -7.60
C ASN A 12 3.49 33.99 -7.38
N ARG A 13 3.44 34.76 -6.28
CA ARG A 13 4.40 35.76 -5.84
C ARG A 13 5.65 35.16 -5.16
N ASP A 14 6.74 35.96 -5.10
CA ASP A 14 7.98 35.62 -4.41
C ASP A 14 7.75 35.87 -2.90
N PRO A 15 7.96 34.84 -2.04
CA PRO A 15 7.74 35.01 -0.60
C PRO A 15 8.56 36.11 0.09
N ARG A 16 9.75 36.47 -0.46
CA ARG A 16 10.62 37.54 0.10
C ARG A 16 9.96 38.93 0.09
N ASP A 17 8.90 39.12 -0.73
CA ASP A 17 8.16 40.39 -0.85
C ASP A 17 7.36 40.70 0.41
N HIS A 18 6.94 39.65 1.14
CA HIS A 18 6.12 39.79 2.35
C HIS A 18 6.88 39.39 3.61
N TYR A 19 7.87 38.49 3.49
CA TYR A 19 8.63 37.98 4.64
C TYR A 19 10.14 38.10 4.52
N ASP A 20 10.79 38.35 5.66
CA ASP A 20 12.24 38.38 5.78
C ASP A 20 12.75 37.05 6.31
N LEU A 21 13.50 36.30 5.48
CA LEU A 21 14.07 35.01 5.90
C LEU A 21 15.13 35.27 6.94
N LEU A 22 15.07 34.54 8.07
CA LEU A 22 15.97 34.77 9.18
C LEU A 22 17.00 33.67 9.40
N GLN A 23 16.55 32.40 9.47
CA GLN A 23 17.43 31.26 9.75
C GLN A 23 16.77 29.93 9.34
N ARG A 24 17.58 28.97 8.86
CA ARG A 24 17.12 27.62 8.53
C ARG A 24 16.92 26.87 9.86
N LEU A 25 15.70 26.37 10.08
CA LEU A 25 15.32 25.65 11.30
C LEU A 25 15.55 24.14 11.20
N GLY A 26 15.33 23.58 10.01
CA GLY A 26 15.48 22.15 9.75
C GLY A 26 15.05 21.67 8.38
N GLY A 27 15.26 20.37 8.12
CA GLY A 27 14.92 19.74 6.86
C GLY A 27 14.36 18.35 7.02
N GLY A 31 10.15 19.59 2.90
CA GLY A 31 11.53 20.02 2.68
C GLY A 31 12.08 20.88 3.80
N GLU A 32 12.79 21.96 3.45
CA GLU A 32 13.42 22.87 4.42
C GLU A 32 12.45 23.80 5.10
N VAL A 33 12.61 23.98 6.43
CA VAL A 33 11.81 24.92 7.24
C VAL A 33 12.74 26.11 7.61
N PHE A 34 12.21 27.34 7.51
CA PHE A 34 12.93 28.57 7.84
C PHE A 34 12.13 29.40 8.82
N LYS A 35 12.83 30.14 9.67
CA LYS A 35 12.25 31.11 10.60
C LYS A 35 12.18 32.38 9.74
N ALA A 36 11.04 33.09 9.80
CA ALA A 36 10.83 34.28 8.99
C ALA A 36 10.06 35.35 9.72
N ARG A 37 10.25 36.61 9.31
CA ARG A 37 9.54 37.72 9.94
C ARG A 37 8.63 38.41 8.96
N ASP A 38 7.40 38.69 9.40
CA ASP A 38 6.40 39.41 8.61
C ASP A 38 6.88 40.87 8.43
N LYS A 39 7.08 41.32 7.17
CA LYS A 39 7.59 42.65 6.82
C LYS A 39 6.78 43.84 7.36
N VAL A 40 5.45 43.69 7.51
CA VAL A 40 4.61 44.79 8.01
C VAL A 40 4.39 44.72 9.54
N SER A 41 4.01 43.55 10.10
CA SER A 41 3.71 43.38 11.53
C SER A 41 4.90 42.99 12.41
N GLY A 42 5.94 42.42 11.81
CA GLY A 42 7.11 41.97 12.56
C GLY A 42 6.88 40.67 13.32
N ASP A 43 5.77 39.97 13.03
CA ASP A 43 5.43 38.69 13.66
C ASP A 43 6.29 37.58 13.07
N LEU A 44 6.84 36.71 13.94
CA LEU A 44 7.62 35.54 13.52
C LEU A 44 6.67 34.48 12.95
N VAL A 45 7.06 33.88 11.82
CA VAL A 45 6.33 32.79 11.17
C VAL A 45 7.36 31.71 10.84
N ALA A 46 6.87 30.57 10.34
CA ALA A 46 7.71 29.49 9.86
C ALA A 46 7.38 29.34 8.38
N LEU A 47 8.39 29.06 7.55
CA LEU A 47 8.19 28.86 6.13
C LEU A 47 8.78 27.53 5.76
N LYS A 48 7.92 26.62 5.30
CA LYS A 48 8.33 25.29 4.87
C LYS A 48 8.40 25.35 3.36
N MET A 49 9.61 25.11 2.83
CA MET A 49 9.87 25.13 1.40
C MET A 49 9.90 23.71 0.86
N VAL A 50 9.06 23.46 -0.15
CA VAL A 50 8.93 22.15 -0.80
C VAL A 50 9.30 22.32 -2.28
N LYS A 51 10.25 21.51 -2.77
CA LYS A 51 10.71 21.52 -4.17
C LYS A 51 9.66 20.84 -5.04
N MET A 52 9.09 21.56 -6.01
CA MET A 52 8.10 21.02 -6.93
C MET A 52 8.72 20.66 -8.27
N GLU A 53 8.32 19.50 -8.80
CA GLU A 53 8.74 18.96 -10.10
C GLU A 53 7.81 19.53 -11.20
N PRO A 54 8.27 19.69 -12.47
CA PRO A 54 7.39 20.29 -13.50
C PRO A 54 6.12 19.50 -13.84
N ASP A 55 6.19 18.15 -13.85
CA ASP A 55 5.06 17.27 -14.15
C ASP A 55 4.03 17.17 -13.00
N ASP A 56 4.24 17.91 -11.87
CA ASP A 56 3.30 17.91 -10.75
C ASP A 56 2.03 18.63 -11.11
N ASP A 57 0.90 18.00 -10.79
CA ASP A 57 -0.44 18.49 -11.06
C ASP A 57 -0.86 19.58 -10.06
N VAL A 58 -1.29 20.74 -10.59
CA VAL A 58 -1.69 21.92 -9.81
C VAL A 58 -2.98 21.65 -9.01
N SER A 59 -4.03 21.11 -9.64
CA SER A 59 -5.30 20.84 -8.94
C SER A 59 -5.10 19.97 -7.70
N THR A 60 -4.20 18.95 -7.77
CA THR A 60 -3.89 18.07 -6.64
C THR A 60 -3.20 18.84 -5.51
N LEU A 61 -2.34 19.84 -5.86
CA LEU A 61 -1.65 20.68 -4.90
C LEU A 61 -2.64 21.57 -4.17
N GLN A 62 -3.62 22.17 -4.90
CA GLN A 62 -4.64 23.05 -4.30
C GLN A 62 -5.49 22.30 -3.28
N LYS A 63 -5.88 21.04 -3.63
CA LYS A 63 -6.67 20.15 -2.77
C LYS A 63 -5.91 19.85 -1.46
N GLU A 64 -4.63 19.45 -1.59
CA GLU A 64 -3.75 19.13 -0.46
C GLU A 64 -3.59 20.35 0.46
N ILE A 65 -3.31 21.53 -0.14
CA ILE A 65 -3.16 22.78 0.60
C ILE A 65 -4.47 23.14 1.33
N LEU A 66 -5.62 22.97 0.65
CA LEU A 66 -6.94 23.28 1.22
C LEU A 66 -7.27 22.40 2.46
N ILE A 67 -6.77 21.15 2.48
CA ILE A 67 -6.89 20.22 3.62
C ILE A 67 -6.20 20.87 4.83
N LEU A 68 -5.02 21.51 4.61
CA LEU A 68 -4.31 22.23 5.68
C LEU A 68 -5.06 23.52 6.03
N LYS A 69 -5.45 24.31 5.00
CA LYS A 69 -6.18 25.57 5.17
C LYS A 69 -7.45 25.43 6.04
N THR A 70 -8.27 24.39 5.78
CA THR A 70 -9.56 24.17 6.47
C THR A 70 -9.41 23.65 7.92
N CYS A 71 -8.18 23.41 8.41
CA CYS A 71 -7.96 23.04 9.82
C CYS A 71 -8.07 24.29 10.68
N ARG A 72 -8.91 24.23 11.67
CA ARG A 72 -9.11 25.34 12.60
C ARG A 72 -9.16 24.73 14.00
N HIS A 73 -7.99 24.26 14.49
CA HIS A 73 -7.89 23.65 15.82
C HIS A 73 -6.61 24.08 16.48
N ALA A 74 -6.69 24.37 17.79
CA ALA A 74 -5.55 24.83 18.60
C ALA A 74 -4.35 23.89 18.56
N ASN A 75 -4.56 22.56 18.43
CA ASN A 75 -3.45 21.59 18.42
C ASN A 75 -2.92 21.25 17.05
N ILE A 76 -3.27 22.02 16.03
CA ILE A 76 -2.74 21.85 14.67
C ILE A 76 -2.11 23.19 14.32
N VAL A 77 -0.83 23.22 13.88
CA VAL A 77 -0.17 24.49 13.49
C VAL A 77 -1.05 25.34 12.59
N ALA A 78 -1.19 26.62 12.90
CA ALA A 78 -2.02 27.51 12.07
C ALA A 78 -1.36 27.71 10.73
N TYR A 79 -2.18 27.86 9.67
CA TYR A 79 -1.79 28.09 8.29
C TYR A 79 -2.13 29.55 7.95
N HIS A 80 -1.14 30.28 7.38
CA HIS A 80 -1.35 31.68 7.01
C HIS A 80 -1.48 31.90 5.48
N GLY A 81 -0.78 31.10 4.69
CA GLY A 81 -0.79 31.18 3.23
C GLY A 81 0.34 30.41 2.59
N SER A 82 0.33 30.33 1.24
CA SER A 82 1.32 29.60 0.43
C SER A 82 1.80 30.43 -0.77
N TYR A 83 3.06 30.20 -1.20
CA TYR A 83 3.69 30.92 -2.29
C TYR A 83 4.35 29.96 -3.27
N LEU A 84 3.96 30.03 -4.56
CA LEU A 84 4.56 29.20 -5.60
C LEU A 84 5.49 30.10 -6.44
N TRP A 85 6.81 29.89 -6.31
CA TRP A 85 7.84 30.71 -6.97
C TRP A 85 9.10 29.88 -7.24
N LEU A 86 9.56 29.89 -8.52
CA LEU A 86 10.75 29.16 -9.02
C LEU A 86 10.59 27.63 -8.88
N GLN A 87 9.35 27.14 -9.16
CA GLN A 87 8.97 25.73 -9.04
C GLN A 87 9.21 25.21 -7.60
N LYS A 88 9.06 26.12 -6.62
CA LYS A 88 9.21 25.84 -5.20
C LYS A 88 7.99 26.40 -4.46
N LEU A 89 7.40 25.57 -3.59
CA LEU A 89 6.24 25.96 -2.79
C LEU A 89 6.69 26.38 -1.39
N TRP A 90 6.22 27.54 -0.93
CA TRP A 90 6.55 28.08 0.38
C TRP A 90 5.28 28.12 1.19
N ILE A 91 5.19 27.24 2.23
CA ILE A 91 4.03 27.16 3.13
C ILE A 91 4.33 27.96 4.36
N CYS A 92 3.51 28.97 4.64
CA CYS A 92 3.65 29.85 5.79
C CYS A 92 2.77 29.40 6.92
N MET A 93 3.39 29.12 8.06
CA MET A 93 2.66 28.60 9.23
C MET A 93 3.09 29.20 10.55
N GLU A 94 2.36 28.86 11.60
CA GLU A 94 2.62 29.25 12.98
C GLU A 94 4.05 28.86 13.40
N PHE A 95 4.83 29.83 13.94
CA PHE A 95 6.19 29.60 14.40
C PHE A 95 6.13 29.05 15.81
N CYS A 96 6.80 27.90 16.03
CA CYS A 96 6.85 27.23 17.32
C CYS A 96 8.28 27.24 17.79
N GLY A 97 8.56 28.22 18.67
CA GLY A 97 9.86 28.57 19.22
C GLY A 97 10.79 27.50 19.74
N ALA A 98 10.25 26.43 20.35
CA ALA A 98 11.04 25.35 20.91
C ALA A 98 11.31 24.19 19.94
N GLY A 99 10.82 24.30 18.72
CA GLY A 99 10.99 23.24 17.72
C GLY A 99 10.14 22.01 18.02
N SER A 100 10.61 20.84 17.59
CA SER A 100 9.86 19.59 17.79
C SER A 100 10.27 18.96 19.09
N LEU A 101 9.48 18.01 19.56
CA LEU A 101 9.80 17.27 20.77
C LEU A 101 11.09 16.44 20.63
N GLN A 102 11.41 16.01 19.40
CA GLN A 102 12.65 15.28 19.13
C GLN A 102 13.86 16.23 19.36
N ASP A 103 13.81 17.47 18.78
CA ASP A 103 14.81 18.51 18.95
C ASP A 103 15.04 18.78 20.43
N ILE A 104 13.94 18.83 21.20
CA ILE A 104 13.94 19.05 22.63
C ILE A 104 14.56 17.90 23.43
N TYR A 105 13.99 16.66 23.31
CA TYR A 105 14.47 15.55 24.15
C TYR A 105 15.91 15.15 23.85
N GLN A 106 16.44 15.51 22.68
CA GLN A 106 17.82 15.19 22.31
C GLN A 106 18.84 15.99 23.18
N VAL A 107 18.35 17.06 23.86
CA VAL A 107 19.12 17.93 24.75
C VAL A 107 18.73 17.65 26.21
N THR A 108 17.41 17.60 26.52
CA THR A 108 16.90 17.40 27.90
C THR A 108 16.93 15.97 28.44
N GLY A 109 16.93 14.98 27.55
CA GLY A 109 16.76 13.59 27.95
C GLY A 109 15.27 13.27 28.10
N SER A 110 14.94 12.04 28.56
CA SER A 110 13.61 11.47 28.79
C SER A 110 12.62 12.48 29.39
N LEU A 111 11.35 12.44 28.94
CA LEU A 111 10.29 13.29 29.52
C LEU A 111 9.72 12.56 30.71
N SER A 112 9.13 13.26 31.67
CA SER A 112 8.53 12.58 32.82
C SER A 112 7.18 12.02 32.41
N GLU A 113 6.60 11.15 33.23
CA GLU A 113 5.30 10.58 32.96
C GLU A 113 4.19 11.66 32.76
N LEU A 114 4.17 12.74 33.60
CA LEU A 114 3.21 13.84 33.50
C LEU A 114 3.43 14.66 32.25
N GLN A 115 4.69 14.89 31.84
CA GLN A 115 4.97 15.63 30.60
C GLN A 115 4.44 14.87 29.39
N ILE A 116 4.63 13.53 29.38
CA ILE A 116 4.15 12.66 28.29
C ILE A 116 2.61 12.63 28.29
N SER A 117 2.01 12.52 29.50
CA SER A 117 0.54 12.50 29.66
C SER A 117 -0.11 13.73 29.04
N TYR A 118 0.48 14.92 29.30
CA TYR A 118 0.05 16.21 28.74
C TYR A 118 0.25 16.22 27.20
N VAL A 119 1.41 15.80 26.70
CA VAL A 119 1.63 15.73 25.24
C VAL A 119 0.60 14.82 24.58
N CYS A 120 0.39 13.60 25.11
CA CYS A 120 -0.58 12.65 24.56
C CYS A 120 -1.98 13.24 24.56
N ARG A 121 -2.36 13.95 25.63
CA ARG A 121 -3.68 14.58 25.71
C ARG A 121 -3.84 15.57 24.58
N GLU A 122 -2.81 16.42 24.37
CA GLU A 122 -2.83 17.49 23.36
C GLU A 122 -2.84 16.93 21.92
N VAL A 123 -2.04 15.88 21.70
CA VAL A 123 -2.00 15.18 20.42
C VAL A 123 -3.36 14.54 20.17
N LEU A 124 -3.91 13.86 21.18
CA LEU A 124 -5.23 13.25 21.00
C LEU A 124 -6.34 14.23 20.65
N GLN A 125 -6.30 15.43 21.21
CA GLN A 125 -7.24 16.52 20.91
C GLN A 125 -7.08 16.91 19.44
N GLY A 126 -5.83 17.05 19.00
CA GLY A 126 -5.51 17.31 17.60
C GLY A 126 -6.01 16.20 16.69
N LEU A 127 -5.83 14.95 17.11
CA LEU A 127 -6.25 13.78 16.35
C LEU A 127 -7.76 13.62 16.28
N ALA A 128 -8.47 13.87 17.39
CA ALA A 128 -9.95 13.77 17.42
C ALA A 128 -10.53 14.78 16.41
N TYR A 129 -9.99 16.01 16.36
CA TYR A 129 -10.41 17.02 15.41
C TYR A 129 -10.14 16.57 13.98
N LEU A 130 -8.89 16.14 13.66
CA LEU A 130 -8.55 15.69 12.31
C LEU A 130 -9.48 14.58 11.81
N HIS A 131 -9.62 13.51 12.63
CA HIS A 131 -10.44 12.34 12.30
C HIS A 131 -11.93 12.69 12.10
N SER A 132 -12.46 13.65 12.88
CA SER A 132 -13.86 14.14 12.74
C SER A 132 -14.03 14.90 11.39
N GLN A 133 -12.92 15.40 10.80
CA GLN A 133 -12.91 16.07 9.50
C GLN A 133 -12.53 15.08 8.38
N LYS A 134 -12.43 13.77 8.70
CA LYS A 134 -12.07 12.69 7.78
C LYS A 134 -10.62 12.84 7.23
N LYS A 135 -9.71 13.35 8.08
CA LYS A 135 -8.30 13.52 7.75
C LYS A 135 -7.48 12.55 8.58
N ILE A 136 -6.36 12.10 8.04
CA ILE A 136 -5.47 11.20 8.76
C ILE A 136 -4.09 11.84 8.74
N HIS A 137 -3.46 12.05 9.89
CA HIS A 137 -2.14 12.67 9.89
C HIS A 137 -1.14 11.78 9.17
N ARG A 138 -1.15 10.50 9.54
CA ARG A 138 -0.32 9.47 8.94
C ARG A 138 1.14 9.47 9.39
N ASP A 139 1.53 10.49 10.16
CA ASP A 139 2.91 10.58 10.62
C ASP A 139 3.05 11.16 12.01
N ILE A 140 2.64 10.43 13.03
CA ILE A 140 2.75 10.94 14.38
C ILE A 140 4.04 10.42 15.02
N LYS A 141 4.92 11.36 15.35
CA LYS A 141 6.20 11.05 15.96
C LYS A 141 6.74 12.30 16.65
N GLY A 142 7.72 12.13 17.53
CA GLY A 142 8.33 13.28 18.22
C GLY A 142 8.75 14.41 17.32
N ALA A 143 9.36 14.10 16.15
CA ALA A 143 9.80 15.09 15.15
C ALA A 143 8.66 15.89 14.58
N ASN A 144 7.43 15.35 14.63
CA ASN A 144 6.28 16.05 14.07
C ASN A 144 5.36 16.72 15.08
N ILE A 145 5.79 16.76 16.36
CA ILE A 145 4.96 17.40 17.39
C ILE A 145 5.76 18.61 17.83
N LEU A 146 5.25 19.78 17.53
CA LEU A 146 5.93 21.05 17.80
C LEU A 146 5.53 21.68 19.10
N ILE A 147 6.48 22.39 19.72
CA ILE A 147 6.28 23.08 20.99
C ILE A 147 6.58 24.56 20.80
N ASN A 148 5.66 25.42 21.21
CA ASN A 148 5.88 26.87 21.08
C ASN A 148 6.48 27.42 22.40
N ASP A 149 6.82 28.73 22.43
CA ASP A 149 7.39 29.38 23.62
C ASP A 149 6.51 29.26 24.87
N ALA A 150 5.19 29.15 24.69
CA ALA A 150 4.24 29.02 25.79
C ALA A 150 4.14 27.58 26.32
N GLY A 151 4.88 26.64 25.71
CA GLY A 151 4.81 25.24 26.13
C GLY A 151 3.60 24.53 25.53
N GLU A 152 2.96 25.15 24.52
CA GLU A 152 1.78 24.55 23.87
C GLU A 152 2.16 23.56 22.76
N VAL A 153 1.28 22.58 22.51
CA VAL A 153 1.52 21.47 21.59
C VAL A 153 0.79 21.63 20.28
N ARG A 154 1.54 21.51 19.16
CA ARG A 154 0.93 21.61 17.84
C ARG A 154 1.39 20.48 16.94
N LEU A 155 0.46 19.88 16.18
CA LEU A 155 0.84 18.90 15.18
C LEU A 155 1.27 19.66 13.91
N ALA A 156 2.39 19.26 13.31
CA ALA A 156 2.88 19.92 12.09
C ALA A 156 1.97 19.59 10.90
N ASP A 157 2.20 20.26 9.73
CA ASP A 157 1.40 20.01 8.50
C ASP A 157 1.51 18.53 8.09
N PHE A 158 0.52 18.03 7.34
CA PHE A 158 0.41 16.64 6.95
C PHE A 158 -0.16 16.48 5.51
N GLY A 159 0.19 15.37 4.86
CA GLY A 159 -0.31 14.98 3.55
C GLY A 159 0.09 15.80 2.34
N ILE A 160 0.79 16.94 2.55
CA ILE A 160 1.23 17.82 1.46
C ILE A 160 2.34 17.15 0.64
N SER A 161 2.18 17.15 -0.71
CA SER A 161 3.07 16.55 -1.72
C SER A 161 3.27 15.04 -1.52
N ALA A 162 2.28 14.37 -0.88
CA ALA A 162 2.26 12.93 -0.64
C ALA A 162 1.85 12.20 -1.92
N LEU A 168 -4.94 6.78 -4.17
CA LEU A 168 -6.40 6.60 -4.21
C LEU A 168 -6.92 6.45 -5.63
N ALA A 169 -6.32 7.18 -6.59
CA ALA A 169 -6.69 7.17 -8.02
C ALA A 169 -6.40 5.82 -8.69
N ARG A 170 -5.26 5.18 -8.31
CA ARG A 170 -4.85 3.88 -8.82
C ARG A 170 -5.84 2.78 -8.37
N ARG A 171 -6.24 2.81 -7.08
CA ARG A 171 -7.20 1.88 -6.48
C ARG A 171 -8.60 1.97 -7.11
N LEU A 172 -8.95 3.15 -7.68
CA LEU A 172 -10.23 3.42 -8.34
C LEU A 172 -10.39 2.69 -9.69
N GLU A 173 -9.26 2.29 -10.32
CA GLU A 173 -9.24 1.59 -11.61
C GLU A 173 -9.76 0.15 -11.49
N PHE A 174 -9.26 -0.59 -10.47
CA PHE A 174 -9.61 -1.99 -10.18
C PHE A 174 -11.06 -2.20 -9.70
N ILE A 175 -11.67 -1.16 -9.09
CA ILE A 175 -13.02 -1.10 -8.53
C ILE A 175 -14.13 -1.57 -9.51
N GLY A 176 -13.97 -1.32 -10.81
CA GLY A 176 -14.92 -1.73 -11.84
C GLY A 176 -14.94 -3.23 -12.14
N THR A 177 -13.86 -3.96 -11.73
CA THR A 177 -13.74 -5.42 -11.95
C THR A 177 -13.25 -6.14 -10.67
N PRO A 178 -14.16 -6.30 -9.71
CA PRO A 178 -13.79 -6.97 -8.45
C PRO A 178 -14.15 -8.46 -8.38
N TYR A 179 -14.81 -8.99 -9.43
CA TYR A 179 -15.41 -10.33 -9.43
C TYR A 179 -14.45 -11.48 -9.08
N TRP A 180 -13.14 -11.36 -9.35
CA TRP A 180 -12.15 -12.44 -9.06
C TRP A 180 -11.32 -12.11 -7.84
N MET A 181 -11.55 -10.93 -7.23
CA MET A 181 -10.80 -10.44 -6.06
C MET A 181 -11.08 -11.19 -4.79
N ALA A 182 -10.02 -11.53 -4.06
CA ALA A 182 -10.14 -12.17 -2.75
C ALA A 182 -10.73 -11.12 -1.78
N PRO A 183 -11.47 -11.51 -0.71
CA PRO A 183 -12.06 -10.49 0.18
C PRO A 183 -11.08 -9.45 0.73
N GLU A 184 -9.84 -9.88 1.00
CA GLU A 184 -8.81 -8.98 1.56
C GLU A 184 -8.32 -7.98 0.53
N VAL A 185 -8.30 -8.38 -0.75
CA VAL A 185 -7.92 -7.52 -1.86
C VAL A 185 -9.02 -6.48 -2.08
N ALA A 186 -10.30 -6.92 -2.05
CA ALA A 186 -11.48 -6.07 -2.19
C ALA A 186 -11.54 -5.01 -1.07
N ALA A 187 -11.11 -5.38 0.17
CA ALA A 187 -11.06 -4.48 1.34
C ALA A 187 -10.03 -3.39 1.12
N VAL A 188 -8.83 -3.74 0.61
CA VAL A 188 -7.76 -2.80 0.27
C VAL A 188 -8.22 -1.85 -0.88
N ALA A 189 -8.81 -2.42 -1.95
CA ALA A 189 -9.28 -1.64 -3.10
C ALA A 189 -10.33 -0.60 -2.70
N LEU A 190 -11.26 -0.99 -1.86
CA LEU A 190 -12.36 -0.11 -1.45
C LEU A 190 -11.96 0.96 -0.42
N LYS A 191 -11.27 0.58 0.68
CA LYS A 191 -10.96 1.56 1.74
C LYS A 191 -9.48 1.69 2.11
N GLY A 192 -8.59 1.16 1.29
CA GLY A 192 -7.16 1.17 1.60
C GLY A 192 -6.91 0.17 2.72
N GLY A 193 -5.66 -0.19 2.89
CA GLY A 193 -5.30 -1.16 3.91
C GLY A 193 -5.21 -0.61 5.32
N TYR A 194 -5.60 0.66 5.53
CA TYR A 194 -5.54 1.31 6.86
C TYR A 194 -6.55 2.45 6.97
N ASN A 195 -6.85 2.87 8.19
CA ASN A 195 -7.71 4.01 8.41
C ASN A 195 -7.07 4.95 9.46
N GLU A 196 -7.83 5.92 9.95
CA GLU A 196 -7.36 6.92 10.91
C GLU A 196 -6.79 6.34 12.22
N LEU A 197 -7.09 5.08 12.52
CA LEU A 197 -6.60 4.46 13.75
C LEU A 197 -5.10 4.18 13.72
N CYS A 198 -4.47 4.26 12.53
CA CYS A 198 -3.01 4.15 12.41
C CYS A 198 -2.35 5.26 13.25
N ASP A 199 -2.98 6.45 13.36
CA ASP A 199 -2.43 7.58 14.17
C ASP A 199 -2.38 7.27 15.67
N ILE A 200 -3.33 6.42 16.17
CA ILE A 200 -3.46 6.02 17.58
C ILE A 200 -2.29 5.12 17.90
N TRP A 201 -1.98 4.20 16.99
CA TRP A 201 -0.82 3.33 17.17
C TRP A 201 0.47 4.18 17.19
N SER A 202 0.63 5.11 16.21
CA SER A 202 1.81 5.99 16.12
C SER A 202 2.01 6.84 17.39
N LEU A 203 0.90 7.24 18.04
CA LEU A 203 0.94 7.99 19.29
C LEU A 203 1.45 7.09 20.45
N GLY A 204 1.01 5.84 20.49
CA GLY A 204 1.52 4.87 21.47
C GLY A 204 3.02 4.68 21.33
N ILE A 205 3.52 4.60 20.07
CA ILE A 205 4.96 4.49 19.79
C ILE A 205 5.66 5.80 20.21
N THR A 206 5.02 6.95 19.93
CA THR A 206 5.54 8.27 20.35
C THR A 206 5.68 8.38 21.86
N ALA A 207 4.71 7.88 22.63
CA ALA A 207 4.78 7.92 24.11
C ALA A 207 5.99 7.13 24.61
N ILE A 208 6.30 5.98 23.95
CA ILE A 208 7.50 5.19 24.30
C ILE A 208 8.73 6.00 23.94
N GLU A 209 8.76 6.55 22.73
CA GLU A 209 9.85 7.40 22.20
C GLU A 209 10.20 8.54 23.19
N LEU A 210 9.15 9.18 23.79
CA LEU A 210 9.35 10.31 24.71
C LEU A 210 9.92 9.85 26.03
N ALA A 211 9.60 8.60 26.43
CA ALA A 211 10.04 7.98 27.67
C ALA A 211 11.43 7.35 27.56
N GLU A 212 11.81 6.88 26.37
CA GLU A 212 13.05 6.12 26.16
C GLU A 212 14.07 6.74 25.20
N LEU A 213 13.70 7.85 24.50
CA LEU A 213 14.52 8.61 23.53
C LEU A 213 14.63 7.94 22.16
N GLN A 214 13.99 6.78 21.99
CA GLN A 214 13.99 6.04 20.75
C GLN A 214 12.69 5.26 20.64
N PRO A 215 12.12 5.14 19.42
CA PRO A 215 10.96 4.25 19.26
C PRO A 215 11.41 2.79 19.46
N PRO A 216 10.53 1.80 19.78
CA PRO A 216 11.02 0.41 19.92
C PRO A 216 11.63 -0.12 18.62
N LEU A 217 12.59 -1.07 18.71
CA LEU A 217 13.30 -1.66 17.55
C LEU A 217 14.07 -0.63 16.68
N PHE A 218 14.40 0.56 17.24
CA PHE A 218 15.12 1.58 16.47
C PHE A 218 16.52 1.13 15.97
N ASP A 219 17.14 0.17 16.69
CA ASP A 219 18.46 -0.40 16.37
C ASP A 219 18.41 -1.51 15.32
N VAL A 220 17.18 -1.95 14.96
CA VAL A 220 16.87 -3.00 13.98
C VAL A 220 16.67 -2.35 12.61
N HIS A 221 17.17 -3.00 11.54
CA HIS A 221 17.11 -2.55 10.15
C HIS A 221 15.67 -2.21 9.69
N PRO A 222 15.47 -1.09 8.95
CA PRO A 222 14.11 -0.72 8.49
C PRO A 222 13.27 -1.83 7.85
N LEU A 223 13.89 -2.63 6.96
CA LEU A 223 13.22 -3.72 6.25
C LEU A 223 12.85 -4.88 7.16
N ARG A 224 13.74 -5.26 8.07
CA ARG A 224 13.50 -6.35 9.02
C ARG A 224 12.30 -6.04 9.94
N VAL A 225 12.17 -4.77 10.41
CA VAL A 225 11.06 -4.34 11.28
C VAL A 225 9.74 -4.51 10.52
N LEU A 226 9.68 -4.04 9.26
CA LEU A 226 8.52 -4.13 8.37
C LEU A 226 8.04 -5.58 8.25
N PHE A 227 8.99 -6.53 8.02
CA PHE A 227 8.75 -7.96 7.92
C PHE A 227 8.22 -8.54 9.22
N LEU A 228 8.83 -8.16 10.37
CA LEU A 228 8.41 -8.67 11.69
C LEU A 228 7.03 -8.17 12.06
N MET A 229 6.73 -6.90 11.71
CA MET A 229 5.43 -6.24 11.96
C MET A 229 4.30 -6.93 11.21
N THR A 230 4.59 -7.42 9.99
CA THR A 230 3.61 -8.11 9.14
C THR A 230 3.53 -9.61 9.48
N LYS A 231 4.60 -10.17 10.04
CA LYS A 231 4.68 -11.57 10.42
C LYS A 231 3.66 -11.91 11.51
N SER A 232 3.03 -13.09 11.40
CA SER A 232 2.06 -13.60 12.37
C SER A 232 2.78 -13.84 13.70
N GLY A 233 2.08 -13.55 14.80
CA GLY A 233 2.64 -13.71 16.14
C GLY A 233 3.35 -12.47 16.64
N TYR A 234 3.37 -11.38 15.81
CA TYR A 234 3.96 -10.08 16.14
C TYR A 234 3.40 -9.53 17.44
N GLN A 235 4.29 -9.28 18.40
CA GLN A 235 3.90 -8.78 19.70
C GLN A 235 4.07 -7.26 19.73
N PRO A 236 3.00 -6.50 20.08
CA PRO A 236 3.16 -5.03 20.17
C PRO A 236 4.22 -4.62 21.20
N PRO A 237 4.94 -3.50 20.95
CA PRO A 237 5.96 -3.05 21.90
C PRO A 237 5.41 -2.71 23.29
N ARG A 238 6.30 -2.66 24.28
CA ARG A 238 5.97 -2.34 25.67
C ARG A 238 7.10 -1.48 26.21
N LEU A 239 6.84 -0.76 27.33
CA LEU A 239 7.87 0.03 28.00
C LEU A 239 8.90 -0.96 28.62
N LYS A 240 10.21 -0.68 28.50
CA LYS A 240 11.30 -1.52 29.05
C LYS A 240 11.21 -1.61 30.55
N GLU A 241 11.18 -0.47 31.25
CA GLU A 241 11.07 -0.47 32.71
C GLU A 241 9.60 -0.59 33.12
N LYS A 242 9.34 -1.17 34.28
CA LYS A 242 8.00 -1.40 34.79
C LYS A 242 7.62 -0.45 35.94
N GLY A 243 8.16 -0.69 37.14
CA GLY A 243 7.89 0.09 38.34
C GLY A 243 7.98 1.61 38.22
N LYS A 244 8.91 2.09 37.40
CA LYS A 244 9.11 3.53 37.13
C LYS A 244 7.80 4.23 36.64
N TRP A 245 6.98 3.50 35.84
CA TRP A 245 5.76 4.02 35.22
C TRP A 245 4.52 3.44 35.88
N SER A 246 3.49 4.27 36.06
CA SER A 246 2.23 3.83 36.67
C SER A 246 1.53 2.77 35.83
N ALA A 247 0.53 2.09 36.44
CA ALA A 247 -0.31 1.10 35.78
C ALA A 247 -1.12 1.81 34.67
N ALA A 248 -1.51 3.09 34.90
CA ALA A 248 -2.24 3.91 33.91
C ALA A 248 -1.41 4.10 32.64
N PHE A 249 -0.12 4.40 32.76
CA PHE A 249 0.77 4.59 31.62
C PHE A 249 1.00 3.29 30.84
N HIS A 250 1.19 2.15 31.55
CA HIS A 250 1.38 0.84 30.92
C HIS A 250 0.11 0.43 30.18
N ASN A 251 -1.09 0.72 30.76
CA ASN A 251 -2.36 0.39 30.11
C ASN A 251 -2.58 1.27 28.86
N PHE A 252 -2.22 2.58 28.94
CA PHE A 252 -2.31 3.53 27.83
C PHE A 252 -1.52 2.96 26.62
N ILE A 253 -0.27 2.53 26.85
CA ILE A 253 0.59 1.92 25.83
C ILE A 253 -0.05 0.65 25.29
N LYS A 254 -0.54 -0.23 26.19
CA LYS A 254 -1.18 -1.48 25.79
C LYS A 254 -2.41 -1.25 24.87
N VAL A 255 -3.27 -0.26 25.19
CA VAL A 255 -4.48 -0.09 24.39
C VAL A 255 -4.21 0.68 23.09
N THR A 256 -3.31 1.70 23.10
CA THR A 256 -3.00 2.43 21.85
C THR A 256 -2.28 1.47 20.87
N LEU A 257 -1.48 0.54 21.41
CA LEU A 257 -0.77 -0.43 20.59
C LEU A 257 -1.54 -1.75 20.40
N THR A 258 -2.88 -1.66 20.22
CA THR A 258 -3.73 -2.83 19.92
C THR A 258 -3.41 -3.20 18.48
N LYS A 259 -3.04 -4.48 18.27
CA LYS A 259 -2.64 -5.03 16.96
C LYS A 259 -3.75 -4.90 15.95
N SER A 260 -4.95 -5.37 16.29
CA SER A 260 -6.10 -5.27 15.39
C SER A 260 -6.66 -3.84 15.33
N PRO A 261 -6.68 -3.19 14.14
CA PRO A 261 -7.26 -1.84 14.03
C PRO A 261 -8.77 -1.82 14.31
N LYS A 262 -9.46 -2.96 14.17
CA LYS A 262 -10.89 -3.09 14.51
C LYS A 262 -11.09 -3.03 16.03
N LYS A 263 -10.04 -3.30 16.80
CA LYS A 263 -10.15 -3.27 18.26
C LYS A 263 -9.42 -2.06 18.89
N ARG A 264 -8.57 -1.36 18.10
CA ARG A 264 -7.85 -0.17 18.56
C ARG A 264 -8.83 0.98 18.84
N PRO A 265 -8.76 1.63 20.02
CA PRO A 265 -9.68 2.75 20.29
C PRO A 265 -9.41 4.02 19.49
N SER A 266 -10.50 4.78 19.28
CA SER A 266 -10.53 6.06 18.60
C SER A 266 -9.89 7.13 19.49
N ALA A 267 -9.54 8.29 18.90
CA ALA A 267 -8.92 9.38 19.64
C ALA A 267 -9.87 9.92 20.73
N THR A 268 -11.19 10.01 20.44
CA THR A 268 -12.18 10.50 21.42
C THR A 268 -12.31 9.51 22.59
N LYS A 269 -12.27 8.19 22.33
CA LYS A 269 -12.26 7.13 23.34
C LYS A 269 -11.02 7.27 24.23
N MET A 270 -9.83 7.47 23.61
CA MET A 270 -8.58 7.65 24.34
C MET A 270 -8.57 8.86 25.22
N LEU A 271 -9.26 9.94 24.83
CA LEU A 271 -9.33 11.15 25.63
C LEU A 271 -9.94 10.95 27.02
N SER A 272 -10.69 9.86 27.23
CA SER A 272 -11.29 9.56 28.53
C SER A 272 -10.42 8.56 29.31
N HIS A 273 -9.24 8.16 28.73
CA HIS A 273 -8.29 7.29 29.44
C HIS A 273 -7.75 8.04 30.64
N GLN A 274 -7.53 7.33 31.75
CA GLN A 274 -7.03 7.88 33.03
C GLN A 274 -5.72 8.68 32.88
N LEU A 275 -4.79 8.20 32.03
CA LEU A 275 -3.52 8.91 31.87
C LEU A 275 -3.74 10.32 31.33
N VAL A 276 -4.63 10.48 30.35
CA VAL A 276 -4.78 11.82 29.77
C VAL A 276 -5.91 12.65 30.40
N SER A 277 -6.84 12.02 31.15
CA SER A 277 -7.96 12.76 31.78
C SER A 277 -7.65 13.20 33.22
N GLN A 278 -6.51 12.76 33.78
CA GLN A 278 -6.06 13.12 35.13
C GLN A 278 -5.93 14.66 35.35
N PRO A 279 -6.10 15.17 36.59
CA PRO A 279 -5.96 16.62 36.79
C PRO A 279 -4.49 17.02 36.89
N GLY A 280 -4.22 18.32 36.73
CA GLY A 280 -2.88 18.87 36.81
C GLY A 280 -2.06 18.85 35.55
N LEU A 281 -2.67 18.47 34.40
CA LEU A 281 -1.90 18.46 33.15
C LEU A 281 -2.03 19.80 32.44
N ASN A 282 -0.93 20.56 32.38
CA ASN A 282 -0.93 21.85 31.69
C ASN A 282 0.42 22.13 31.12
N ARG A 283 0.52 23.14 30.25
CA ARG A 283 1.72 23.60 29.55
C ARG A 283 2.87 23.97 30.51
N GLY A 284 2.58 24.18 31.80
CA GLY A 284 3.60 24.41 32.82
C GLY A 284 4.59 23.26 32.92
N LEU A 285 4.10 22.02 32.67
CA LEU A 285 4.90 20.78 32.61
C LEU A 285 5.90 20.87 31.49
N ILE A 286 5.50 21.49 30.36
CA ILE A 286 6.38 21.67 29.21
C ILE A 286 7.30 22.90 29.41
N LEU A 287 6.81 23.95 30.09
CA LEU A 287 7.66 25.12 30.44
C LEU A 287 8.82 24.66 31.34
N ASP A 288 8.57 23.65 32.22
CA ASP A 288 9.59 23.01 33.06
C ASP A 288 10.66 22.37 32.16
N LEU A 289 10.22 21.59 31.17
CA LEU A 289 11.12 20.95 30.22
C LEU A 289 11.89 22.00 29.44
N LEU A 290 11.21 23.08 29.07
CA LEU A 290 11.82 24.17 28.32
C LEU A 290 12.93 24.85 29.12
N ASP A 291 12.72 24.98 30.43
CA ASP A 291 13.72 25.59 31.29
C ASP A 291 14.99 24.76 31.24
N LYS A 292 14.82 23.44 31.23
CA LYS A 292 15.96 22.53 31.16
C LYS A 292 16.69 22.74 29.84
N LEU A 293 15.93 22.96 28.79
CA LEU A 293 16.49 23.17 27.46
C LEU A 293 17.35 24.43 27.41
N LYS A 294 16.89 25.47 28.07
CA LYS A 294 17.62 26.75 28.11
C LYS A 294 18.99 26.62 28.75
N ASN A 295 19.06 25.86 29.84
CA ASN A 295 20.31 25.65 30.56
C ASN A 295 20.52 24.16 30.78
N PRO A 296 20.98 23.47 29.73
CA PRO A 296 21.18 22.02 29.82
C PRO A 296 22.40 21.57 30.62
N GLY A 297 23.55 22.22 30.36
CA GLY A 297 24.80 21.91 31.03
C GLY A 297 24.83 22.35 32.47
N LYS A 298 25.92 21.97 33.18
CA LYS A 298 26.16 22.32 34.58
C LYS A 298 26.22 23.85 34.73
N GLY A 299 26.04 24.33 35.96
CA GLY A 299 26.07 25.75 36.28
C GLY A 299 27.46 26.36 36.10
N PRO A 300 27.61 27.68 36.33
CA PRO A 300 28.95 28.29 36.19
C PRO A 300 29.96 27.72 37.18
N SER A 301 31.20 27.56 36.71
CA SER A 301 32.30 27.07 37.52
C SER A 301 32.93 28.28 38.25
N ILE A 302 33.99 28.00 39.00
CA ILE A 302 34.67 28.98 39.82
C ILE A 302 35.22 30.13 39.00
N GLY A 303 35.34 29.94 37.69
CA GLY A 303 35.85 31.01 36.86
C GLY A 303 34.74 32.02 36.63
N ASP A 304 34.82 33.06 37.45
CA ASP A 304 33.92 34.22 37.49
C ASP A 304 34.52 35.42 36.75
N ASP B 9 16.51 -6.33 -20.66
CA ASP B 9 16.44 -7.00 -21.97
C ASP B 9 15.73 -6.14 -23.04
N ILE B 10 15.58 -4.82 -22.78
CA ILE B 10 14.93 -3.86 -23.67
C ILE B 10 15.87 -3.26 -24.70
N PHE B 11 15.40 -3.11 -25.95
CA PHE B 11 16.16 -2.55 -27.06
C PHE B 11 15.53 -1.27 -27.62
N ASN B 12 16.35 -0.39 -28.21
CA ASN B 12 15.92 0.86 -28.83
C ASN B 12 15.60 0.67 -30.32
N ARG B 13 16.09 -0.45 -30.92
CA ARG B 13 15.88 -0.80 -32.33
C ARG B 13 14.44 -1.27 -32.59
N ASP B 14 13.69 -0.53 -33.44
CA ASP B 14 12.29 -0.78 -33.84
C ASP B 14 11.98 -2.30 -34.06
N PRO B 15 10.89 -2.83 -33.43
CA PRO B 15 10.58 -4.27 -33.54
C PRO B 15 10.27 -4.82 -34.93
N ARG B 16 9.81 -3.97 -35.88
CA ARG B 16 9.48 -4.36 -37.26
C ARG B 16 10.70 -4.92 -38.04
N ASP B 17 11.92 -4.60 -37.55
CA ASP B 17 13.19 -5.06 -38.09
C ASP B 17 13.42 -6.56 -37.80
N HIS B 18 13.05 -7.01 -36.60
CA HIS B 18 13.20 -8.40 -36.16
C HIS B 18 11.95 -9.24 -36.49
N TYR B 19 10.76 -8.61 -36.49
CA TYR B 19 9.49 -9.30 -36.66
C TYR B 19 8.55 -8.73 -37.70
N ASP B 20 7.81 -9.59 -38.38
CA ASP B 20 6.83 -9.13 -39.36
C ASP B 20 5.51 -9.09 -38.61
N LEU B 21 4.89 -7.92 -38.54
CA LEU B 21 3.63 -7.76 -37.83
C LEU B 21 2.51 -8.57 -38.47
N LEU B 22 1.68 -9.16 -37.61
CA LEU B 22 0.54 -9.96 -38.04
C LEU B 22 -0.75 -9.41 -37.47
N GLN B 23 -1.81 -10.21 -37.53
CA GLN B 23 -3.12 -9.80 -37.03
C GLN B 23 -3.16 -9.51 -35.54
N ARG B 24 -3.97 -8.52 -35.18
CA ARG B 24 -4.16 -8.09 -33.79
C ARG B 24 -4.87 -9.26 -33.11
N LEU B 25 -4.38 -9.69 -31.94
CA LEU B 25 -4.95 -10.82 -31.23
C LEU B 25 -6.04 -10.36 -30.25
N GLY B 26 -5.78 -9.25 -29.58
CA GLY B 26 -6.70 -8.65 -28.62
C GLY B 26 -6.20 -7.34 -28.05
N GLY B 27 -7.07 -6.32 -28.11
CA GLY B 27 -6.81 -4.98 -27.59
C GLY B 27 -7.89 -4.50 -26.64
N GLU B 32 -2.69 -4.04 -26.00
CA GLU B 32 -2.83 -4.45 -27.40
C GLU B 32 -1.81 -5.53 -27.76
N VAL B 33 -2.29 -6.76 -28.03
CA VAL B 33 -1.42 -7.90 -28.34
C VAL B 33 -1.56 -8.24 -29.81
N PHE B 34 -0.41 -8.51 -30.48
CA PHE B 34 -0.35 -8.86 -31.91
C PHE B 34 0.32 -10.20 -32.14
N LYS B 35 -0.12 -10.92 -33.15
CA LYS B 35 0.52 -12.15 -33.59
C LYS B 35 1.67 -11.65 -34.48
N ALA B 36 2.87 -12.23 -34.35
CA ALA B 36 4.02 -11.86 -35.20
C ALA B 36 4.91 -13.06 -35.51
N ARG B 37 5.69 -12.95 -36.60
CA ARG B 37 6.60 -14.00 -37.07
C ARG B 37 8.04 -13.47 -37.06
N ASP B 38 8.96 -14.31 -36.56
CA ASP B 38 10.39 -13.98 -36.54
C ASP B 38 10.89 -14.02 -37.99
N LYS B 39 11.50 -12.90 -38.45
CA LYS B 39 11.96 -12.71 -39.83
C LYS B 39 13.02 -13.70 -40.30
N VAL B 40 13.80 -14.32 -39.38
CA VAL B 40 14.86 -15.24 -39.76
C VAL B 40 14.49 -16.73 -39.50
N SER B 41 13.81 -17.02 -38.36
CA SER B 41 13.44 -18.41 -38.02
C SER B 41 12.02 -18.82 -38.43
N GLY B 42 11.15 -17.85 -38.68
CA GLY B 42 9.75 -18.12 -39.03
C GLY B 42 8.88 -18.45 -37.82
N ASP B 43 9.47 -18.46 -36.61
CA ASP B 43 8.79 -18.76 -35.34
C ASP B 43 7.70 -17.75 -35.00
N LEU B 44 6.50 -18.26 -34.62
CA LEU B 44 5.40 -17.39 -34.21
C LEU B 44 5.65 -16.90 -32.78
N VAL B 45 5.34 -15.63 -32.52
CA VAL B 45 5.44 -15.00 -31.20
C VAL B 45 4.19 -14.12 -31.03
N ALA B 46 4.03 -13.58 -29.82
CA ALA B 46 2.96 -12.62 -29.53
C ALA B 46 3.65 -11.37 -29.03
N LEU B 47 3.19 -10.20 -29.50
CA LEU B 47 3.78 -8.93 -29.09
C LEU B 47 2.78 -8.08 -28.34
N LYS B 48 3.06 -7.81 -27.07
CA LYS B 48 2.22 -6.97 -26.23
C LYS B 48 2.70 -5.50 -26.35
N MET B 49 1.89 -4.66 -27.02
CA MET B 49 2.17 -3.24 -27.27
C MET B 49 1.52 -2.32 -26.22
N VAL B 50 2.36 -1.61 -25.45
CA VAL B 50 1.93 -0.69 -24.38
C VAL B 50 2.41 0.75 -24.74
N LYS B 51 1.49 1.72 -24.73
CA LYS B 51 1.74 3.12 -25.09
C LYS B 51 2.69 3.86 -24.13
N ASP B 56 6.62 9.02 -16.62
CA ASP B 56 7.21 7.74 -17.03
C ASP B 56 8.62 7.58 -16.44
N ASP B 57 8.81 6.53 -15.62
CA ASP B 57 10.08 6.23 -14.96
C ASP B 57 10.76 5.00 -15.57
N VAL B 58 12.04 5.15 -15.96
CA VAL B 58 12.86 4.08 -16.55
C VAL B 58 13.30 3.04 -15.50
N SER B 59 13.27 3.41 -14.19
CA SER B 59 13.62 2.51 -13.09
C SER B 59 12.53 1.46 -12.88
N THR B 60 11.24 1.89 -12.96
CA THR B 60 10.05 1.06 -12.82
C THR B 60 9.87 0.17 -14.05
N LEU B 61 10.25 0.68 -15.25
CA LEU B 61 10.15 -0.03 -16.52
C LEU B 61 11.06 -1.25 -16.54
N GLN B 62 12.32 -1.08 -16.10
CA GLN B 62 13.33 -2.14 -16.02
C GLN B 62 12.92 -3.21 -15.00
N LYS B 63 12.26 -2.77 -13.90
CA LYS B 63 11.76 -3.63 -12.84
C LYS B 63 10.64 -4.56 -13.33
N GLU B 64 9.69 -4.03 -14.16
CA GLU B 64 8.56 -4.77 -14.77
C GLU B 64 9.08 -5.87 -15.69
N ILE B 65 9.98 -5.51 -16.62
CA ILE B 65 10.60 -6.37 -17.63
C ILE B 65 11.35 -7.52 -16.97
N LEU B 66 12.09 -7.23 -15.90
CA LEU B 66 12.84 -8.24 -15.15
C LEU B 66 11.94 -9.28 -14.51
N ILE B 67 10.75 -8.87 -13.99
CA ILE B 67 9.73 -9.77 -13.42
C ILE B 67 9.30 -10.76 -14.52
N LEU B 68 9.01 -10.25 -15.73
CA LEU B 68 8.61 -11.07 -16.89
C LEU B 68 9.76 -12.00 -17.36
N LYS B 69 11.00 -11.46 -17.45
CA LYS B 69 12.20 -12.19 -17.89
C LYS B 69 12.58 -13.35 -16.98
N THR B 70 12.48 -13.17 -15.66
CA THR B 70 12.86 -14.18 -14.68
C THR B 70 11.78 -15.29 -14.50
N CYS B 71 10.64 -15.21 -15.23
CA CYS B 71 9.59 -16.24 -15.20
C CYS B 71 9.99 -17.34 -16.16
N ARG B 72 10.58 -18.43 -15.65
CA ARG B 72 11.02 -19.54 -16.49
C ARG B 72 10.43 -20.83 -15.94
N HIS B 73 9.24 -21.16 -16.42
CA HIS B 73 8.45 -22.32 -16.00
C HIS B 73 7.53 -22.72 -17.13
N ALA B 74 7.28 -24.04 -17.23
CA ALA B 74 6.46 -24.69 -18.26
C ALA B 74 4.97 -24.26 -18.23
N ASN B 75 4.49 -23.63 -17.13
CA ASN B 75 3.12 -23.16 -17.01
C ASN B 75 3.01 -21.63 -17.01
N ILE B 76 4.07 -20.90 -17.42
CA ILE B 76 4.06 -19.43 -17.50
C ILE B 76 4.56 -19.04 -18.87
N VAL B 77 3.86 -18.12 -19.57
CA VAL B 77 4.35 -17.67 -20.89
C VAL B 77 5.81 -17.23 -20.80
N ALA B 78 6.61 -17.65 -21.78
CA ALA B 78 8.03 -17.31 -21.90
C ALA B 78 8.19 -15.90 -22.44
N TYR B 79 9.18 -15.17 -21.91
CA TYR B 79 9.54 -13.83 -22.34
C TYR B 79 10.73 -13.98 -23.33
N HIS B 80 10.68 -13.23 -24.45
CA HIS B 80 11.72 -13.28 -25.47
C HIS B 80 12.59 -12.01 -25.54
N GLY B 81 11.97 -10.84 -25.34
CA GLY B 81 12.67 -9.56 -25.37
C GLY B 81 11.74 -8.38 -25.52
N SER B 82 12.22 -7.17 -25.22
CA SER B 82 11.37 -5.98 -25.35
C SER B 82 11.97 -4.92 -26.25
N TYR B 83 11.10 -4.08 -26.83
CA TYR B 83 11.47 -3.01 -27.75
C TYR B 83 10.79 -1.71 -27.35
N LEU B 84 11.58 -0.63 -27.23
CA LEU B 84 11.07 0.71 -26.93
C LEU B 84 11.30 1.55 -28.20
N TRP B 85 10.19 1.91 -28.89
CA TRP B 85 10.20 2.68 -30.13
C TRP B 85 8.91 3.51 -30.29
N LEU B 86 9.07 4.81 -30.64
CA LEU B 86 8.00 5.81 -30.83
C LEU B 86 7.18 5.97 -29.54
N GLN B 87 7.88 5.96 -28.38
CA GLN B 87 7.34 6.04 -27.01
C GLN B 87 6.50 4.80 -26.61
N LYS B 88 6.37 3.82 -27.54
CA LYS B 88 5.63 2.57 -27.37
C LYS B 88 6.58 1.42 -27.00
N LEU B 89 6.14 0.57 -26.05
CA LEU B 89 6.88 -0.60 -25.55
C LEU B 89 6.24 -1.89 -26.08
N TRP B 90 7.01 -2.66 -26.86
CA TRP B 90 6.60 -3.91 -27.47
C TRP B 90 7.28 -5.04 -26.72
N ILE B 91 6.47 -5.86 -26.03
CA ILE B 91 6.98 -6.96 -25.22
C ILE B 91 6.78 -8.25 -26.00
N CYS B 92 7.89 -8.90 -26.39
CA CYS B 92 7.86 -10.14 -27.16
C CYS B 92 7.74 -11.33 -26.26
N MET B 93 6.64 -12.09 -26.45
CA MET B 93 6.24 -13.23 -25.62
C MET B 93 5.95 -14.48 -26.44
N GLU B 94 5.97 -15.63 -25.77
CA GLU B 94 5.60 -16.93 -26.32
C GLU B 94 4.14 -16.90 -26.82
N PHE B 95 3.92 -17.51 -27.99
CA PHE B 95 2.64 -17.57 -28.66
C PHE B 95 1.89 -18.83 -28.24
N CYS B 96 0.57 -18.67 -27.94
CA CYS B 96 -0.31 -19.79 -27.55
C CYS B 96 -1.50 -19.72 -28.47
N GLY B 97 -1.51 -20.63 -29.43
CA GLY B 97 -2.46 -20.74 -30.54
C GLY B 97 -3.95 -20.75 -30.26
N ALA B 98 -4.38 -21.20 -29.06
CA ALA B 98 -5.81 -21.21 -28.79
C ALA B 98 -6.29 -19.98 -28.00
N GLY B 99 -5.40 -19.04 -27.76
CA GLY B 99 -5.72 -17.81 -27.00
C GLY B 99 -6.06 -18.12 -25.55
N SER B 100 -6.88 -17.26 -24.91
CA SER B 100 -7.22 -17.44 -23.48
C SER B 100 -8.37 -18.41 -23.30
N LEU B 101 -8.54 -18.95 -22.09
CA LEU B 101 -9.67 -19.83 -21.80
C LEU B 101 -11.00 -19.07 -21.95
N GLN B 102 -11.01 -17.75 -21.66
CA GLN B 102 -12.15 -16.87 -21.89
C GLN B 102 -12.49 -16.91 -23.38
N ASP B 103 -11.48 -16.66 -24.26
CA ASP B 103 -11.67 -16.71 -25.73
C ASP B 103 -12.29 -18.05 -26.15
N ILE B 104 -11.83 -19.15 -25.52
CA ILE B 104 -12.29 -20.51 -25.83
C ILE B 104 -13.73 -20.75 -25.37
N TYR B 105 -14.02 -20.61 -24.05
CA TYR B 105 -15.36 -20.94 -23.57
C TYR B 105 -16.48 -20.05 -24.14
N GLN B 106 -16.17 -18.85 -24.68
CA GLN B 106 -17.22 -18.02 -25.28
C GLN B 106 -17.70 -18.67 -26.60
N VAL B 107 -16.96 -19.69 -27.08
CA VAL B 107 -17.28 -20.46 -28.30
C VAL B 107 -17.73 -21.90 -27.96
N THR B 108 -17.01 -22.60 -27.07
CA THR B 108 -17.32 -23.97 -26.68
C THR B 108 -18.42 -24.10 -25.61
N GLY B 109 -18.61 -23.08 -24.80
CA GLY B 109 -19.50 -23.19 -23.64
C GLY B 109 -18.67 -23.78 -22.50
N SER B 110 -19.34 -24.15 -21.40
CA SER B 110 -18.85 -24.73 -20.15
C SER B 110 -17.78 -25.80 -20.37
N LEU B 111 -16.76 -25.82 -19.51
CA LEU B 111 -15.75 -26.87 -19.55
C LEU B 111 -16.30 -27.98 -18.66
N SER B 112 -15.76 -29.20 -18.81
CA SER B 112 -16.21 -30.34 -18.00
C SER B 112 -15.42 -30.32 -16.67
N GLU B 113 -15.86 -31.11 -15.68
CA GLU B 113 -15.14 -31.18 -14.41
C GLU B 113 -13.70 -31.62 -14.59
N LEU B 114 -13.43 -32.61 -15.49
CA LEU B 114 -12.05 -33.07 -15.73
C LEU B 114 -11.19 -32.01 -16.39
N GLN B 115 -11.75 -31.28 -17.38
CA GLN B 115 -10.99 -30.19 -18.05
C GLN B 115 -10.64 -29.11 -17.01
N ILE B 116 -11.56 -28.76 -16.15
CA ILE B 116 -11.34 -27.77 -15.06
C ILE B 116 -10.27 -28.23 -14.06
N SER B 117 -10.32 -29.53 -13.65
CA SER B 117 -9.38 -30.10 -12.69
C SER B 117 -7.95 -30.03 -13.27
N TYR B 118 -7.81 -30.33 -14.57
CA TYR B 118 -6.52 -30.26 -15.28
C TYR B 118 -6.02 -28.82 -15.34
N VAL B 119 -6.89 -27.85 -15.73
CA VAL B 119 -6.52 -26.42 -15.77
C VAL B 119 -6.06 -25.97 -14.37
N CYS B 120 -6.86 -26.27 -13.34
CA CYS B 120 -6.52 -25.92 -11.95
C CYS B 120 -5.17 -26.48 -11.50
N ARG B 121 -4.85 -27.72 -11.89
CA ARG B 121 -3.56 -28.33 -11.53
C ARG B 121 -2.43 -27.58 -12.19
N GLU B 122 -2.55 -27.33 -13.49
CA GLU B 122 -1.55 -26.59 -14.25
C GLU B 122 -1.37 -25.18 -13.73
N VAL B 123 -2.48 -24.48 -13.39
CA VAL B 123 -2.41 -23.12 -12.85
C VAL B 123 -1.66 -23.13 -11.53
N LEU B 124 -2.01 -24.07 -10.64
CA LEU B 124 -1.38 -24.22 -9.31
C LEU B 124 0.12 -24.50 -9.40
N GLN B 125 0.57 -25.20 -10.47
CA GLN B 125 1.99 -25.45 -10.70
C GLN B 125 2.67 -24.12 -11.07
N GLY B 126 2.01 -23.33 -11.93
CA GLY B 126 2.47 -22.00 -12.30
C GLY B 126 2.54 -21.07 -11.09
N LEU B 127 1.51 -21.12 -10.22
CA LEU B 127 1.42 -20.29 -9.00
C LEU B 127 2.45 -20.70 -7.94
N ALA B 128 2.64 -22.02 -7.71
CA ALA B 128 3.63 -22.51 -6.75
C ALA B 128 5.00 -21.94 -7.10
N TYR B 129 5.33 -21.91 -8.41
CA TYR B 129 6.57 -21.35 -8.95
C TYR B 129 6.67 -19.84 -8.75
N LEU B 130 5.61 -19.09 -9.12
CA LEU B 130 5.63 -17.63 -8.96
C LEU B 130 5.77 -17.28 -7.49
N HIS B 131 5.00 -17.96 -6.63
CA HIS B 131 4.99 -17.73 -5.20
C HIS B 131 6.37 -18.06 -4.57
N SER B 132 7.07 -19.11 -5.11
CA SER B 132 8.42 -19.51 -4.66
C SER B 132 9.46 -18.43 -5.03
N GLN B 133 9.16 -17.60 -6.05
CA GLN B 133 10.00 -16.50 -6.53
C GLN B 133 9.59 -15.15 -5.91
N LYS B 134 8.74 -15.18 -4.87
CA LYS B 134 8.19 -14.01 -4.18
C LYS B 134 7.39 -13.09 -5.15
N LYS B 135 6.76 -13.72 -6.16
CA LYS B 135 5.92 -13.02 -7.13
C LYS B 135 4.46 -13.38 -6.87
N ILE B 136 3.56 -12.44 -7.16
CA ILE B 136 2.12 -12.62 -7.03
C ILE B 136 1.54 -12.29 -8.38
N HIS B 137 0.64 -13.17 -8.89
CA HIS B 137 0.04 -12.89 -10.19
C HIS B 137 -0.97 -11.75 -10.08
N ARG B 138 -1.85 -11.75 -9.06
CA ARG B 138 -2.87 -10.74 -8.75
C ARG B 138 -4.05 -10.64 -9.75
N ASP B 139 -4.01 -11.35 -10.89
CA ASP B 139 -5.12 -11.25 -11.85
C ASP B 139 -5.44 -12.57 -12.50
N ILE B 140 -5.50 -13.62 -11.68
CA ILE B 140 -5.87 -14.94 -12.15
C ILE B 140 -7.37 -14.91 -12.54
N LYS B 141 -7.64 -15.30 -13.78
CA LYS B 141 -8.96 -15.32 -14.37
C LYS B 141 -8.80 -16.07 -15.69
N GLY B 142 -9.92 -16.50 -16.29
CA GLY B 142 -9.94 -17.21 -17.54
C GLY B 142 -9.22 -16.46 -18.65
N ALA B 143 -9.37 -15.13 -18.65
CA ALA B 143 -8.76 -14.23 -19.63
C ALA B 143 -7.23 -14.23 -19.59
N ASN B 144 -6.61 -14.56 -18.46
CA ASN B 144 -5.16 -14.58 -18.29
C ASN B 144 -4.58 -16.00 -18.32
N ILE B 145 -5.40 -17.00 -18.71
CA ILE B 145 -4.93 -18.38 -18.79
C ILE B 145 -4.92 -18.78 -20.27
N LEU B 146 -3.72 -18.88 -20.84
CA LEU B 146 -3.56 -19.23 -22.26
C LEU B 146 -3.43 -20.72 -22.50
N ILE B 147 -3.84 -21.13 -23.70
CA ILE B 147 -3.82 -22.52 -24.11
C ILE B 147 -3.08 -22.57 -25.44
N ASN B 148 -2.04 -23.40 -25.55
CA ASN B 148 -1.38 -23.53 -26.86
C ASN B 148 -2.04 -24.65 -27.68
N ASP B 149 -1.57 -24.84 -28.92
CA ASP B 149 -2.06 -25.90 -29.81
C ASP B 149 -1.93 -27.32 -29.24
N ALA B 150 -0.95 -27.54 -28.36
CA ALA B 150 -0.69 -28.85 -27.76
C ALA B 150 -1.51 -29.11 -26.49
N GLY B 151 -2.47 -28.22 -26.21
CA GLY B 151 -3.36 -28.32 -25.05
C GLY B 151 -2.73 -27.98 -23.71
N GLU B 152 -1.58 -27.32 -23.74
CA GLU B 152 -0.84 -26.92 -22.54
C GLU B 152 -1.35 -25.62 -21.99
N VAL B 153 -1.21 -25.48 -20.67
CA VAL B 153 -1.70 -24.33 -19.92
C VAL B 153 -0.56 -23.37 -19.56
N ARG B 154 -0.70 -22.07 -19.96
CA ARG B 154 0.29 -21.04 -19.64
C ARG B 154 -0.36 -19.82 -18.96
N LEU B 155 0.16 -19.41 -17.80
CA LEU B 155 -0.32 -18.18 -17.14
C LEU B 155 0.28 -16.99 -17.89
N ALA B 156 -0.52 -15.95 -18.13
CA ALA B 156 -0.07 -14.77 -18.84
C ALA B 156 -0.52 -13.52 -18.07
N ASP B 157 -0.06 -12.34 -18.53
CA ASP B 157 -0.39 -11.04 -17.94
C ASP B 157 -0.84 -10.09 -19.03
N PHE B 158 -2.15 -10.06 -19.30
CA PHE B 158 -2.70 -9.13 -20.28
C PHE B 158 -2.74 -7.71 -19.72
N GLY B 159 -2.91 -7.61 -18.41
CA GLY B 159 -3.03 -6.35 -17.69
C GLY B 159 -1.74 -5.78 -17.18
N ILE B 160 -1.73 -5.41 -15.89
CA ILE B 160 -0.59 -4.73 -15.25
C ILE B 160 -0.05 -5.45 -14.00
N SER B 161 -0.06 -6.81 -13.99
CA SER B 161 0.48 -7.59 -12.87
C SER B 161 1.94 -7.23 -12.56
N ALA B 162 2.85 -7.36 -13.57
CA ALA B 162 4.27 -7.02 -13.43
C ALA B 162 4.46 -5.54 -13.06
N GLN B 163 3.60 -4.63 -13.60
CA GLN B 163 3.63 -3.19 -13.28
C GLN B 163 3.39 -2.97 -11.79
N ILE B 164 2.34 -3.62 -11.21
CA ILE B 164 1.98 -3.56 -9.78
C ILE B 164 3.16 -4.02 -8.92
N GLY B 165 3.71 -5.21 -9.22
CA GLY B 165 4.86 -5.77 -8.53
C GLY B 165 6.06 -4.84 -8.58
N ALA B 166 6.32 -4.23 -9.77
CA ALA B 166 7.43 -3.26 -9.98
C ALA B 166 7.22 -1.98 -9.17
N GLU B 167 6.00 -1.39 -9.24
CA GLU B 167 5.58 -0.17 -8.53
C GLU B 167 5.68 -0.33 -7.01
N LEU B 168 5.37 -1.54 -6.49
CA LEU B 168 5.47 -1.90 -5.08
C LEU B 168 6.93 -1.93 -4.65
N ALA B 169 7.81 -2.58 -5.45
CA ALA B 169 9.25 -2.70 -5.21
C ALA B 169 9.91 -1.31 -5.22
N ARG B 170 9.37 -0.38 -6.04
CA ARG B 170 9.83 1.00 -6.14
C ARG B 170 9.48 1.77 -4.86
N ARG B 171 8.24 1.60 -4.35
CA ARG B 171 7.75 2.23 -3.13
C ARG B 171 8.51 1.78 -1.88
N LEU B 172 9.06 0.54 -1.89
CA LEU B 172 9.84 -0.07 -0.81
C LEU B 172 11.17 0.65 -0.56
N GLU B 173 11.88 1.00 -1.66
CA GLU B 173 13.17 1.70 -1.63
C GLU B 173 13.02 3.14 -1.10
N PHE B 174 11.86 3.77 -1.41
CA PHE B 174 11.51 5.13 -1.00
C PHE B 174 10.67 5.18 0.30
N ILE B 175 10.43 4.00 0.94
CA ILE B 175 9.64 3.95 2.18
C ILE B 175 10.46 4.48 3.35
N GLY B 176 9.96 5.56 3.97
CA GLY B 176 10.60 6.22 5.11
C GLY B 176 10.68 5.32 6.33
N THR B 177 11.30 5.81 7.43
CA THR B 177 11.44 5.07 8.69
C THR B 177 10.12 4.33 9.04
N PRO B 178 10.20 3.04 9.39
CA PRO B 178 8.98 2.29 9.68
C PRO B 178 8.56 2.24 11.14
N TYR B 179 9.47 2.63 12.04
CA TYR B 179 9.37 2.49 13.49
C TYR B 179 8.03 3.02 14.12
N TRP B 180 7.36 4.01 13.53
CA TRP B 180 6.08 4.53 14.13
C TRP B 180 4.83 3.98 13.41
N MET B 181 5.00 3.10 12.38
CA MET B 181 3.90 2.56 11.59
C MET B 181 3.10 1.55 12.31
N ALA B 182 1.77 1.62 12.19
CA ALA B 182 0.87 0.62 12.72
C ALA B 182 1.11 -0.69 11.91
N PRO B 183 0.88 -1.91 12.43
CA PRO B 183 1.12 -3.10 11.58
C PRO B 183 0.35 -3.16 10.26
N GLU B 184 -0.86 -2.58 10.20
CA GLU B 184 -1.66 -2.58 8.96
C GLU B 184 -1.05 -1.63 7.93
N VAL B 185 -0.40 -0.54 8.38
CA VAL B 185 0.25 0.44 7.51
C VAL B 185 1.51 -0.25 6.97
N ALA B 186 2.23 -0.96 7.85
CA ALA B 186 3.43 -1.72 7.47
C ALA B 186 3.08 -2.69 6.32
N ALA B 187 1.96 -3.43 6.45
CA ALA B 187 1.45 -4.37 5.43
C ALA B 187 1.19 -3.73 4.05
N VAL B 188 0.72 -2.46 4.01
CA VAL B 188 0.50 -1.83 2.71
C VAL B 188 1.83 -1.32 2.12
N ALA B 189 2.73 -0.83 3.01
CA ALA B 189 4.05 -0.31 2.64
C ALA B 189 4.90 -1.43 2.06
N LEU B 190 4.86 -2.61 2.71
CA LEU B 190 5.61 -3.79 2.34
C LEU B 190 5.00 -4.60 1.20
N LYS B 191 3.67 -4.81 1.17
CA LYS B 191 3.11 -5.66 0.11
C LYS B 191 1.70 -5.28 -0.39
N GLY B 192 1.32 -4.01 -0.22
CA GLY B 192 0.01 -3.57 -0.71
C GLY B 192 -1.18 -4.07 0.07
N GLY B 193 -0.95 -4.64 1.26
CA GLY B 193 -2.01 -5.08 2.17
C GLY B 193 -2.55 -6.50 2.07
N TYR B 194 -1.89 -7.36 1.29
CA TYR B 194 -2.32 -8.75 1.09
C TYR B 194 -1.10 -9.59 0.64
N ASN B 195 -1.28 -10.91 0.46
CA ASN B 195 -0.19 -11.78 0.05
C ASN B 195 -0.56 -12.69 -1.14
N GLU B 196 0.36 -13.61 -1.49
CA GLU B 196 0.25 -14.53 -2.61
C GLU B 196 -1.03 -15.37 -2.61
N LEU B 197 -1.68 -15.55 -1.43
CA LEU B 197 -2.88 -16.36 -1.24
C LEU B 197 -4.12 -15.79 -1.95
N CYS B 198 -4.06 -14.51 -2.38
CA CYS B 198 -5.14 -13.91 -3.18
C CYS B 198 -5.29 -14.66 -4.52
N ASP B 199 -4.19 -15.21 -5.06
CA ASP B 199 -4.17 -15.96 -6.33
C ASP B 199 -4.90 -17.26 -6.17
N ILE B 200 -4.88 -17.84 -4.94
CA ILE B 200 -5.59 -19.07 -4.63
C ILE B 200 -7.08 -18.81 -4.70
N TRP B 201 -7.54 -17.72 -4.08
CA TRP B 201 -8.94 -17.37 -4.14
C TRP B 201 -9.35 -17.10 -5.59
N SER B 202 -8.55 -16.32 -6.36
CA SER B 202 -8.90 -16.00 -7.75
C SER B 202 -8.98 -17.28 -8.58
N LEU B 203 -8.15 -18.28 -8.25
CA LEU B 203 -8.25 -19.59 -8.93
C LEU B 203 -9.59 -20.27 -8.60
N GLY B 204 -10.05 -20.18 -7.34
CA GLY B 204 -11.36 -20.71 -6.97
C GLY B 204 -12.48 -20.10 -7.80
N ILE B 205 -12.47 -18.74 -7.95
CA ILE B 205 -13.45 -17.99 -8.77
C ILE B 205 -13.33 -18.37 -10.26
N THR B 206 -12.08 -18.55 -10.74
CA THR B 206 -11.84 -18.95 -12.15
C THR B 206 -12.45 -20.34 -12.44
N ALA B 207 -12.35 -21.31 -11.49
CA ALA B 207 -12.91 -22.65 -11.71
C ALA B 207 -14.43 -22.54 -11.88
N ILE B 208 -15.10 -21.68 -11.07
CA ILE B 208 -16.53 -21.44 -11.21
C ILE B 208 -16.79 -20.78 -12.59
N GLU B 209 -15.97 -19.79 -12.97
CA GLU B 209 -16.04 -19.08 -14.26
C GLU B 209 -15.93 -20.08 -15.46
N LEU B 210 -15.05 -21.07 -15.36
CA LEU B 210 -14.91 -22.05 -16.44
C LEU B 210 -16.13 -23.00 -16.49
N ALA B 211 -16.80 -23.17 -15.33
CA ALA B 211 -17.95 -24.04 -15.19
C ALA B 211 -19.26 -23.36 -15.59
N GLU B 212 -19.37 -22.04 -15.37
CA GLU B 212 -20.64 -21.34 -15.55
C GLU B 212 -20.63 -20.22 -16.56
N LEU B 213 -19.45 -19.97 -17.18
CA LEU B 213 -19.27 -18.96 -18.23
C LEU B 213 -19.17 -17.54 -17.69
N GLN B 214 -19.18 -17.36 -16.38
CA GLN B 214 -18.99 -16.04 -15.77
C GLN B 214 -18.65 -16.24 -14.30
N PRO B 215 -17.90 -15.33 -13.67
CA PRO B 215 -17.62 -15.49 -12.25
C PRO B 215 -18.91 -15.23 -11.48
N PRO B 216 -19.01 -15.60 -10.19
CA PRO B 216 -20.21 -15.24 -9.42
C PRO B 216 -20.42 -13.71 -9.36
N LEU B 217 -21.68 -13.31 -9.30
CA LEU B 217 -22.09 -11.90 -9.15
C LEU B 217 -21.75 -11.04 -10.35
N PHE B 218 -21.37 -11.65 -11.50
CA PHE B 218 -20.99 -10.90 -12.71
C PHE B 218 -22.05 -9.91 -13.15
N ASP B 219 -23.33 -10.23 -12.91
CA ASP B 219 -24.52 -9.43 -13.26
C ASP B 219 -24.84 -8.32 -12.30
N VAL B 220 -24.12 -8.26 -11.16
CA VAL B 220 -24.30 -7.26 -10.11
C VAL B 220 -23.28 -6.14 -10.29
N HIS B 221 -23.71 -4.87 -10.09
CA HIS B 221 -22.88 -3.66 -10.18
C HIS B 221 -21.57 -3.82 -9.40
N PRO B 222 -20.40 -3.44 -9.99
CA PRO B 222 -19.11 -3.65 -9.30
C PRO B 222 -18.92 -2.97 -7.94
N LEU B 223 -19.58 -1.81 -7.71
CA LEU B 223 -19.51 -1.08 -6.44
C LEU B 223 -20.26 -1.86 -5.41
N ARG B 224 -21.44 -2.39 -5.77
CA ARG B 224 -22.28 -3.22 -4.92
C ARG B 224 -21.52 -4.50 -4.53
N VAL B 225 -20.81 -5.15 -5.49
CA VAL B 225 -20.03 -6.37 -5.20
C VAL B 225 -18.92 -6.06 -4.18
N LEU B 226 -18.20 -4.95 -4.35
CA LEU B 226 -17.15 -4.53 -3.41
C LEU B 226 -17.68 -4.35 -1.99
N PHE B 227 -18.88 -3.72 -1.84
CA PHE B 227 -19.52 -3.52 -0.55
C PHE B 227 -19.99 -4.86 0.05
N LEU B 228 -20.55 -5.76 -0.80
CA LEU B 228 -20.97 -7.10 -0.39
C LEU B 228 -19.80 -7.93 0.15
N MET B 229 -18.64 -7.88 -0.54
CA MET B 229 -17.43 -8.66 -0.20
C MET B 229 -16.74 -8.19 1.07
N THR B 230 -16.73 -6.88 1.32
CA THR B 230 -16.09 -6.23 2.47
C THR B 230 -17.00 -6.17 3.72
N LYS B 231 -18.21 -6.74 3.63
CA LYS B 231 -19.19 -6.76 4.71
C LYS B 231 -19.01 -8.01 5.58
N SER B 232 -19.45 -7.94 6.86
CA SER B 232 -19.39 -9.06 7.78
C SER B 232 -20.45 -10.08 7.39
N GLY B 233 -20.11 -11.36 7.49
CA GLY B 233 -21.00 -12.45 7.15
C GLY B 233 -21.05 -12.80 5.68
N TYR B 234 -20.15 -12.20 4.85
CA TYR B 234 -20.08 -12.46 3.40
C TYR B 234 -19.87 -13.93 3.16
N GLN B 235 -20.78 -14.55 2.44
CA GLN B 235 -20.67 -15.95 2.15
C GLN B 235 -19.83 -16.20 0.89
N PRO B 236 -18.75 -17.03 0.97
CA PRO B 236 -18.00 -17.35 -0.24
C PRO B 236 -18.90 -17.98 -1.30
N PRO B 237 -18.67 -17.73 -2.61
CA PRO B 237 -19.55 -18.30 -3.63
C PRO B 237 -19.48 -19.82 -3.70
N ARG B 238 -20.48 -20.40 -4.33
CA ARG B 238 -20.57 -21.83 -4.55
C ARG B 238 -21.01 -22.05 -5.98
N LEU B 239 -20.80 -23.27 -6.52
CA LEU B 239 -21.28 -23.67 -7.83
C LEU B 239 -22.82 -23.72 -7.77
N LYS B 240 -23.49 -23.13 -8.77
CA LYS B 240 -24.95 -22.99 -8.88
C LYS B 240 -25.74 -24.29 -8.97
N GLU B 241 -25.30 -25.22 -9.85
CA GLU B 241 -25.95 -26.51 -10.16
C GLU B 241 -25.18 -27.65 -9.50
N LYS B 242 -25.43 -27.87 -8.20
CA LYS B 242 -24.75 -28.82 -7.31
C LYS B 242 -24.68 -30.27 -7.76
N GLY B 243 -25.73 -30.76 -8.42
CA GLY B 243 -25.79 -32.16 -8.88
C GLY B 243 -24.95 -32.47 -10.09
N LYS B 244 -24.49 -31.43 -10.80
CA LYS B 244 -23.65 -31.55 -11.99
C LYS B 244 -22.18 -31.80 -11.61
N TRP B 245 -21.79 -31.44 -10.37
CA TRP B 245 -20.39 -31.54 -9.93
C TRP B 245 -20.16 -32.49 -8.78
N SER B 246 -19.00 -33.17 -8.78
CA SER B 246 -18.55 -34.12 -7.77
C SER B 246 -18.32 -33.44 -6.41
N ALA B 247 -18.25 -34.24 -5.34
CA ALA B 247 -18.02 -33.73 -3.98
C ALA B 247 -16.63 -33.13 -3.84
N ALA B 248 -15.65 -33.65 -4.63
CA ALA B 248 -14.25 -33.20 -4.70
C ALA B 248 -14.19 -31.78 -5.27
N PHE B 249 -15.00 -31.49 -6.34
CA PHE B 249 -15.07 -30.17 -6.96
C PHE B 249 -15.69 -29.18 -6.01
N HIS B 250 -16.84 -29.54 -5.41
CA HIS B 250 -17.48 -28.69 -4.40
C HIS B 250 -16.52 -28.32 -3.28
N ASN B 251 -15.68 -29.28 -2.85
CA ASN B 251 -14.72 -29.10 -1.77
C ASN B 251 -13.55 -28.24 -2.20
N PHE B 252 -13.01 -28.45 -3.44
CA PHE B 252 -11.91 -27.63 -3.97
C PHE B 252 -12.32 -26.15 -3.95
N ILE B 253 -13.57 -25.84 -4.40
CA ILE B 253 -14.17 -24.50 -4.39
C ILE B 253 -14.24 -24.00 -2.96
N LYS B 254 -14.70 -24.86 -2.03
CA LYS B 254 -14.83 -24.49 -0.62
C LYS B 254 -13.50 -24.08 0.00
N VAL B 255 -12.44 -24.87 -0.22
CA VAL B 255 -11.13 -24.59 0.40
C VAL B 255 -10.38 -23.45 -0.32
N THR B 256 -10.46 -23.35 -1.68
CA THR B 256 -9.79 -22.22 -2.34
C THR B 256 -10.51 -20.95 -1.95
N LEU B 257 -11.82 -21.03 -1.75
CA LEU B 257 -12.58 -19.85 -1.37
C LEU B 257 -12.71 -19.70 0.15
N THR B 258 -11.59 -19.90 0.88
CA THR B 258 -11.58 -19.66 2.33
C THR B 258 -11.48 -18.15 2.52
N LYS B 259 -12.49 -17.54 3.16
CA LYS B 259 -12.57 -16.11 3.43
C LYS B 259 -11.27 -15.55 4.06
N SER B 260 -10.79 -16.16 5.16
CA SER B 260 -9.56 -15.71 5.84
C SER B 260 -8.28 -16.20 5.14
N PRO B 261 -7.36 -15.27 4.80
CA PRO B 261 -6.12 -15.70 4.16
C PRO B 261 -5.14 -16.40 5.09
N LYS B 262 -5.45 -16.48 6.40
CA LYS B 262 -4.63 -17.18 7.38
C LYS B 262 -4.96 -18.66 7.29
N LYS B 263 -6.23 -19.00 6.96
CA LYS B 263 -6.70 -20.38 6.82
C LYS B 263 -6.69 -20.91 5.36
N ARG B 264 -6.51 -20.01 4.37
CA ARG B 264 -6.51 -20.37 2.94
C ARG B 264 -5.29 -21.18 2.58
N PRO B 265 -5.47 -22.38 1.98
CA PRO B 265 -4.30 -23.20 1.61
C PRO B 265 -3.42 -22.58 0.52
N SER B 266 -2.11 -22.85 0.60
CA SER B 266 -1.10 -22.39 -0.35
C SER B 266 -1.22 -23.17 -1.66
N ALA B 267 -0.53 -22.74 -2.74
CA ALA B 267 -0.58 -23.44 -4.02
C ALA B 267 0.01 -24.84 -3.90
N THR B 268 1.13 -24.98 -3.14
CA THR B 268 1.71 -26.32 -2.94
C THR B 268 0.75 -27.23 -2.19
N LYS B 269 0.11 -26.72 -1.14
CA LYS B 269 -0.88 -27.45 -0.34
C LYS B 269 -2.05 -27.89 -1.24
N MET B 270 -2.54 -26.97 -2.12
CA MET B 270 -3.65 -27.22 -3.02
C MET B 270 -3.35 -28.29 -4.04
N LEU B 271 -2.08 -28.39 -4.44
CA LEU B 271 -1.64 -29.41 -5.40
C LEU B 271 -1.84 -30.84 -4.89
N SER B 272 -2.02 -31.02 -3.55
CA SER B 272 -2.27 -32.35 -2.97
C SER B 272 -3.79 -32.57 -2.80
N HIS B 273 -4.65 -31.61 -3.23
CA HIS B 273 -6.09 -31.82 -3.12
C HIS B 273 -6.51 -32.91 -4.13
N GLN B 274 -7.51 -33.76 -3.77
CA GLN B 274 -8.03 -34.88 -4.57
C GLN B 274 -8.38 -34.48 -6.02
N LEU B 275 -9.10 -33.36 -6.22
CA LEU B 275 -9.50 -32.88 -7.54
C LEU B 275 -8.34 -32.71 -8.52
N VAL B 276 -7.22 -32.16 -8.07
CA VAL B 276 -6.07 -31.91 -8.94
C VAL B 276 -5.00 -33.03 -8.86
N SER B 277 -5.06 -33.90 -7.84
CA SER B 277 -4.08 -34.99 -7.71
C SER B 277 -4.51 -36.28 -8.40
N GLN B 278 -5.82 -36.40 -8.74
CA GLN B 278 -6.43 -37.57 -9.40
C GLN B 278 -5.74 -37.96 -10.74
N PRO B 279 -5.72 -39.26 -11.13
CA PRO B 279 -5.09 -39.60 -12.41
C PRO B 279 -5.99 -39.25 -13.59
N GLY B 280 -5.42 -39.31 -14.79
CA GLY B 280 -6.16 -39.04 -16.02
C GLY B 280 -6.40 -37.58 -16.29
N LEU B 281 -5.62 -36.70 -15.65
CA LEU B 281 -5.61 -35.28 -15.92
C LEU B 281 -4.41 -35.06 -16.82
N ASN B 282 -4.67 -34.75 -18.10
CA ASN B 282 -3.61 -34.51 -19.10
C ASN B 282 -4.17 -33.61 -20.19
N ARG B 283 -3.29 -33.08 -21.06
CA ARG B 283 -3.59 -32.17 -22.17
C ARG B 283 -4.62 -32.69 -23.14
N GLY B 284 -4.78 -34.02 -23.24
CA GLY B 284 -5.80 -34.66 -24.08
C GLY B 284 -7.20 -34.15 -23.78
N LEU B 285 -7.50 -33.79 -22.50
CA LEU B 285 -8.81 -33.24 -22.11
C LEU B 285 -9.04 -31.88 -22.77
N ILE B 286 -7.97 -31.10 -22.91
CA ILE B 286 -8.07 -29.76 -23.54
C ILE B 286 -8.07 -29.92 -25.06
N LEU B 287 -7.44 -31.00 -25.56
CA LEU B 287 -7.44 -31.24 -27.01
C LEU B 287 -8.84 -31.47 -27.48
N ASP B 288 -9.63 -32.18 -26.68
CA ASP B 288 -11.06 -32.39 -26.93
C ASP B 288 -11.79 -31.05 -26.98
N LEU B 289 -11.48 -30.12 -26.01
CA LEU B 289 -12.04 -28.78 -25.99
C LEU B 289 -11.68 -27.99 -27.26
N LEU B 290 -10.40 -28.05 -27.72
CA LEU B 290 -9.94 -27.31 -28.91
C LEU B 290 -10.61 -27.77 -30.21
N ASP B 291 -10.88 -29.08 -30.32
CA ASP B 291 -11.58 -29.66 -31.47
C ASP B 291 -13.03 -29.15 -31.48
N LYS B 292 -13.64 -29.03 -30.26
CA LYS B 292 -14.99 -28.47 -30.06
C LYS B 292 -14.99 -26.99 -30.50
N LEU B 293 -13.88 -26.29 -30.23
CA LEU B 293 -13.62 -24.90 -30.59
C LEU B 293 -13.59 -24.77 -32.14
N LYS B 294 -13.00 -25.75 -32.84
CA LYS B 294 -12.91 -25.77 -34.32
C LYS B 294 -14.23 -26.25 -34.98
N ASN B 295 -15.08 -27.00 -34.23
CA ASN B 295 -16.37 -27.51 -34.70
C ASN B 295 -17.45 -26.42 -34.59
#